data_5QI5
#
_entry.id   5QI5
#
_cell.length_a   34.555
_cell.length_b   41.591
_cell.length_c   110.662
_cell.angle_alpha   90.000
_cell.angle_beta   90.000
_cell.angle_gamma   90.000
#
_symmetry.space_group_name_H-M   'P 21 21 21'
#
loop_
_entity.id
_entity.type
_entity.pdbx_description
1 polymer 'Poly [ADP-ribose] polymerase 14'
2 non-polymer 'CHLORIDE ION'
3 non-polymer 'DIMETHYL SULFOXIDE'
4 non-polymer 2-cyano-~{N}-(1,3,5-trimethylpyrazol-4-yl)ethanamide
5 water water
#
_entity_poly.entity_id   1
_entity_poly.type   'polypeptide(L)'
_entity_poly.pdbx_seq_one_letter_code
;SMFYGTVSSPDSGVYEMKIGSIIFQVASGDITKEEADVIVNSTSNSFNLKAGVSKAILECAGQNVERECSQQAQQRKNDY
IITGGGFLRCKNIIHVIGGNDVKSSVSSVLQECEKKNYSSICLPAIGTGNAKQHPDKVAEAIIDAIEDFVQKGSAQSVKK
VKVVIFLPQVLDVFYANMKKREG
;
_entity_poly.pdbx_strand_id   A
#
loop_
_chem_comp.id
_chem_comp.type
_chem_comp.name
_chem_comp.formula
CL non-polymer 'CHLORIDE ION' 'Cl -1'
DMS non-polymer 'DIMETHYL SULFOXIDE' 'C2 H6 O S'
GV4 non-polymer 2-cyano-~{N}-(1,3,5-trimethylpyrazol-4-yl)ethanamide 'C9 H12 N4 O'
#
# COMPACT_ATOMS: atom_id res chain seq x y z
N MET A 2 -2.64 -19.74 12.81
CA MET A 2 -2.88 -20.32 11.46
C MET A 2 -2.02 -19.81 10.30
N PHE A 3 -1.60 -18.55 10.40
CA PHE A 3 -0.90 -17.79 9.34
C PHE A 3 0.34 -16.98 9.77
N TYR A 4 0.37 -16.48 11.01
CA TYR A 4 1.37 -15.48 11.44
C TYR A 4 2.67 -16.07 11.98
N GLY A 5 3.78 -15.58 11.43
CA GLY A 5 5.10 -15.84 11.94
C GLY A 5 5.51 -14.90 13.08
N THR A 6 6.81 -14.73 13.23
CA THR A 6 7.43 -14.02 14.34
C THR A 6 7.91 -12.63 13.88
N VAL A 7 7.70 -11.60 14.72
CA VAL A 7 8.19 -10.25 14.43
C VAL A 7 9.70 -10.15 14.72
N SER A 8 10.47 -9.69 13.73
CA SER A 8 11.91 -9.37 13.90
C SER A 8 12.28 -8.10 13.15
N SER A 9 13.53 -7.67 13.29
CA SER A 9 14.03 -6.48 12.61
C SER A 9 15.23 -6.83 11.72
N PRO A 10 15.02 -6.94 10.38
CA PRO A 10 16.10 -7.41 9.48
C PRO A 10 17.13 -6.34 9.15
N ASP A 11 16.73 -5.09 9.29
CA ASP A 11 17.54 -3.94 8.96
C ASP A 11 17.10 -2.85 9.92
N SER A 12 17.97 -1.87 10.16
CA SER A 12 17.68 -0.78 11.09
C SER A 12 16.34 -0.06 10.75
N GLY A 13 15.44 0.01 11.73
CA GLY A 13 14.16 0.70 11.58
C GLY A 13 13.06 -0.05 10.85
N VAL A 14 13.36 -1.28 10.42
CA VAL A 14 12.43 -2.08 9.65
C VAL A 14 11.98 -3.26 10.52
N TYR A 15 10.67 -3.55 10.51
CA TYR A 15 10.10 -4.69 11.25
C TYR A 15 9.38 -5.58 10.24
N GLU A 16 9.51 -6.90 10.41
CA GLU A 16 8.89 -7.84 9.48
C GLU A 16 8.28 -9.05 10.17
N MET A 17 7.29 -9.65 9.52
N MET A 17 7.29 -9.66 9.50
CA MET A 17 6.83 -10.98 9.89
CA MET A 17 6.56 -10.87 10.00
C MET A 17 6.24 -11.63 8.66
C MET A 17 6.01 -11.62 8.78
N LYS A 18 6.17 -12.96 8.71
CA LYS A 18 5.48 -13.75 7.67
C LYS A 18 3.96 -13.76 7.93
N ILE A 19 3.18 -13.63 6.84
CA ILE A 19 1.73 -13.88 6.83
C ILE A 19 1.51 -14.91 5.72
N GLY A 20 1.38 -16.19 6.09
CA GLY A 20 1.45 -17.26 5.10
C GLY A 20 2.78 -17.20 4.38
N SER A 21 2.73 -17.21 3.04
CA SER A 21 3.92 -17.11 2.19
C SER A 21 4.46 -15.68 1.97
N ILE A 22 3.73 -14.65 2.42
CA ILE A 22 4.10 -13.24 2.16
C ILE A 22 4.97 -12.70 3.32
N ILE A 23 6.03 -11.98 2.96
N ILE A 23 6.04 -11.99 2.99
CA ILE A 23 6.81 -11.21 3.92
CA ILE A 23 6.76 -11.24 4.02
C ILE A 23 6.13 -9.81 4.06
C ILE A 23 6.20 -9.82 4.10
N PHE A 24 5.63 -9.50 5.26
CA PHE A 24 5.02 -8.19 5.56
C PHE A 24 6.02 -7.34 6.35
N GLN A 25 6.28 -6.13 5.88
CA GLN A 25 7.26 -5.24 6.50
C GLN A 25 6.66 -3.85 6.72
N VAL A 26 7.18 -3.16 7.75
CA VAL A 26 6.86 -1.75 8.04
C VAL A 26 8.17 -1.00 8.33
N ALA A 27 8.17 0.29 7.94
CA ALA A 27 9.31 1.20 8.20
C ALA A 27 8.81 2.65 8.08
N SER A 28 9.50 3.59 8.72
N SER A 28 9.50 3.60 8.69
CA SER A 28 9.26 5.02 8.52
CA SER A 28 9.20 5.01 8.49
C SER A 28 10.06 5.53 7.33
C SER A 28 10.12 5.64 7.44
N GLY A 29 9.59 6.62 6.70
CA GLY A 29 10.37 7.30 5.63
C GLY A 29 9.54 7.88 4.49
N ASP A 30 10.24 8.28 3.41
CA ASP A 30 9.63 8.87 2.20
C ASP A 30 9.41 7.74 1.18
N ILE A 31 8.15 7.41 0.95
CA ILE A 31 7.79 6.32 0.03
C ILE A 31 8.27 6.53 -1.44
N THR A 32 8.49 7.80 -1.84
CA THR A 32 8.94 8.08 -3.23
C THR A 32 10.38 7.65 -3.51
N LYS A 33 11.14 7.27 -2.47
CA LYS A 33 12.49 6.74 -2.61
C LYS A 33 12.55 5.20 -2.70
N GLU A 34 11.38 4.54 -2.62
CA GLU A 34 11.30 3.08 -2.67
C GLU A 34 11.27 2.53 -4.10
N GLU A 35 11.75 1.29 -4.23
CA GLU A 35 11.62 0.50 -5.47
C GLU A 35 10.69 -0.70 -5.20
N ALA A 36 9.71 -0.92 -6.07
CA ALA A 36 8.77 -2.06 -5.94
C ALA A 36 8.05 -2.23 -7.28
N ASP A 37 7.45 -3.39 -7.54
CA ASP A 37 6.66 -3.51 -8.78
C ASP A 37 5.49 -2.48 -8.80
N VAL A 38 4.78 -2.37 -7.67
CA VAL A 38 3.70 -1.38 -7.51
C VAL A 38 3.98 -0.50 -6.29
N ILE A 39 3.80 0.83 -6.47
CA ILE A 39 3.67 1.80 -5.37
C ILE A 39 2.21 2.29 -5.35
N VAL A 40 1.64 2.34 -4.13
CA VAL A 40 0.27 2.83 -3.93
C VAL A 40 0.24 4.30 -3.53
N ASN A 41 -0.68 5.07 -4.15
CA ASN A 41 -0.99 6.46 -3.79
C ASN A 41 -2.35 6.49 -3.09
N SER A 42 -2.49 7.29 -2.02
CA SER A 42 -3.76 7.50 -1.30
C SER A 42 -4.24 8.92 -1.65
N THR A 43 -5.32 9.02 -2.42
CA THR A 43 -5.74 10.30 -3.00
C THR A 43 -7.25 10.54 -2.83
N SER A 44 -7.75 11.59 -3.49
CA SER A 44 -9.17 11.94 -3.48
C SER A 44 -9.94 11.17 -4.55
N ASN A 45 -11.26 11.29 -4.51
CA ASN A 45 -12.12 10.64 -5.53
C ASN A 45 -11.99 11.21 -6.96
N SER A 46 -11.28 12.34 -7.12
CA SER A 46 -10.93 12.96 -8.40
C SER A 46 -9.54 12.60 -8.93
N PHE A 47 -8.77 11.90 -8.09
CA PHE A 47 -7.43 11.42 -8.43
C PHE A 47 -6.48 12.56 -8.81
N ASN A 48 -6.71 13.72 -8.20
CA ASN A 48 -5.91 14.93 -8.50
C ASN A 48 -5.47 15.69 -7.24
N LEU A 49 -5.53 15.05 -6.07
CA LEU A 49 -5.07 15.66 -4.83
C LEU A 49 -3.55 15.80 -4.85
N LYS A 50 -3.05 16.90 -4.29
CA LYS A 50 -1.62 17.10 -4.14
C LYS A 50 -1.33 17.66 -2.73
N ALA A 51 -1.64 16.83 -1.75
CA ALA A 51 -1.45 17.14 -0.32
C ALA A 51 -0.90 15.89 0.37
N GLY A 52 0.07 16.07 1.27
CA GLY A 52 0.64 14.92 1.97
C GLY A 52 1.26 13.93 0.99
N VAL A 53 1.00 12.62 1.17
CA VAL A 53 1.65 11.62 0.32
C VAL A 53 1.38 11.85 -1.15
N SER A 54 0.15 12.25 -1.49
CA SER A 54 -0.22 12.49 -2.89
C SER A 54 0.62 13.58 -3.54
N LYS A 55 0.97 14.63 -2.78
N LYS A 55 0.98 14.62 -2.77
CA LYS A 55 1.85 15.70 -3.28
CA LYS A 55 1.86 15.69 -3.26
C LYS A 55 3.22 15.11 -3.69
C LYS A 55 3.22 15.13 -3.68
N ALA A 56 3.83 14.35 -2.78
CA ALA A 56 5.13 13.74 -3.03
C ALA A 56 5.10 12.79 -4.24
N ILE A 57 4.09 11.93 -4.29
CA ILE A 57 3.95 10.96 -5.37
C ILE A 57 3.72 11.64 -6.74
N LEU A 58 2.77 12.58 -6.83
CA LEU A 58 2.52 13.23 -8.13
C LEU A 58 3.70 14.11 -8.62
N GLU A 59 4.36 14.81 -7.70
CA GLU A 59 5.53 15.63 -8.06
C GLU A 59 6.70 14.77 -8.57
N CYS A 60 6.97 13.66 -7.88
N CYS A 60 6.97 13.66 -7.88
CA CYS A 60 8.04 12.75 -8.32
CA CYS A 60 8.03 12.74 -8.30
C CYS A 60 7.68 11.99 -9.59
C CYS A 60 7.68 11.97 -9.58
N ALA A 61 6.44 11.50 -9.69
CA ALA A 61 5.99 10.71 -10.87
C ALA A 61 6.01 11.53 -12.16
N GLY A 62 5.54 12.77 -12.07
CA GLY A 62 5.63 13.74 -13.17
C GLY A 62 4.31 14.02 -13.86
N GLN A 63 4.35 14.98 -14.78
CA GLN A 63 3.13 15.49 -15.40
C GLN A 63 2.39 14.50 -16.29
N ASN A 64 3.11 13.58 -16.95
CA ASN A 64 2.44 12.54 -17.75
C ASN A 64 1.52 11.63 -16.90
N VAL A 65 1.97 11.27 -15.70
CA VAL A 65 1.13 10.51 -14.76
C VAL A 65 -0.08 11.34 -14.27
N GLU A 66 0.13 12.62 -13.98
CA GLU A 66 -0.99 13.52 -13.62
C GLU A 66 -2.06 13.53 -14.70
N ARG A 67 -1.63 13.66 -15.95
CA ARG A 67 -2.55 13.65 -17.09
C ARG A 67 -3.26 12.29 -17.29
N GLU A 68 -2.53 11.19 -17.12
CA GLU A 68 -3.14 9.83 -17.11
C GLU A 68 -4.28 9.75 -16.07
N CYS A 69 -4.04 10.30 -14.88
CA CYS A 69 -5.05 10.29 -13.81
C CYS A 69 -6.36 11.06 -14.15
N SER A 70 -6.22 12.29 -14.64
N SER A 70 -6.24 12.29 -14.64
CA SER A 70 -7.40 13.11 -14.95
CA SER A 70 -7.42 13.10 -14.94
C SER A 70 -8.19 12.55 -16.14
C SER A 70 -8.18 12.60 -16.17
N GLN A 71 -7.48 11.97 -17.10
CA GLN A 71 -8.10 11.32 -18.27
C GLN A 71 -8.97 10.12 -17.88
N GLN A 72 -8.43 9.22 -17.05
CA GLN A 72 -9.24 8.10 -16.56
C GLN A 72 -10.40 8.54 -15.67
N ALA A 73 -10.18 9.56 -14.83
CA ALA A 73 -11.22 10.10 -13.94
C ALA A 73 -12.48 10.60 -14.70
N GLN A 74 -12.28 11.22 -15.86
CA GLN A 74 -13.41 11.71 -16.68
C GLN A 74 -14.09 10.62 -17.55
N GLN A 75 -13.43 9.48 -17.75
CA GLN A 75 -13.96 8.40 -18.60
C GLN A 75 -15.06 7.56 -17.94
N ARG A 76 -14.93 7.29 -16.64
CA ARG A 76 -15.89 6.46 -15.88
C ARG A 76 -15.82 6.75 -14.38
N LYS A 77 -16.73 6.20 -13.58
CA LYS A 77 -16.63 6.26 -12.12
C LYS A 77 -15.73 5.12 -11.62
N ASN A 78 -14.56 5.47 -11.07
CA ASN A 78 -13.55 4.49 -10.61
C ASN A 78 -13.43 4.46 -9.08
N ASP A 79 -13.35 3.26 -8.49
CA ASP A 79 -12.96 3.10 -7.07
C ASP A 79 -11.44 3.28 -6.88
N TYR A 80 -10.68 3.02 -7.94
CA TYR A 80 -9.20 3.17 -7.97
C TYR A 80 -8.77 3.19 -9.44
N ILE A 81 -7.57 3.71 -9.71
CA ILE A 81 -7.04 3.70 -11.08
C ILE A 81 -5.57 3.22 -11.10
N ILE A 82 -5.18 2.62 -12.22
CA ILE A 82 -3.82 2.11 -12.44
C ILE A 82 -3.16 2.96 -13.54
N THR A 83 -1.98 3.54 -13.24
CA THR A 83 -1.21 4.33 -14.22
C THR A 83 0.21 3.75 -14.32
N GLY A 84 0.96 4.29 -15.27
CA GLY A 84 2.38 4.10 -15.27
C GLY A 84 3.06 4.67 -14.03
N GLY A 85 4.34 4.32 -13.89
CA GLY A 85 5.19 4.76 -12.80
C GLY A 85 5.83 6.14 -12.95
N GLY A 86 5.86 6.66 -14.19
CA GLY A 86 6.53 7.93 -14.46
C GLY A 86 7.98 7.82 -14.00
N PHE A 87 8.45 8.83 -13.25
CA PHE A 87 9.81 8.80 -12.69
C PHE A 87 9.98 8.19 -11.28
N LEU A 88 8.95 7.53 -10.77
CA LEU A 88 9.11 6.66 -9.62
C LEU A 88 9.74 5.32 -10.04
N ARG A 89 10.35 4.64 -9.08
CA ARG A 89 11.02 3.34 -9.30
C ARG A 89 10.04 2.16 -9.13
N CYS A 90 9.07 2.12 -10.03
CA CYS A 90 8.06 1.07 -10.04
C CYS A 90 7.55 0.85 -11.46
N LYS A 91 6.84 -0.26 -11.66
CA LYS A 91 6.22 -0.58 -12.96
C LYS A 91 4.84 0.09 -13.12
N ASN A 92 4.08 0.18 -12.03
CA ASN A 92 2.77 0.87 -12.04
C ASN A 92 2.54 1.55 -10.70
N ILE A 93 1.73 2.62 -10.72
CA ILE A 93 1.15 3.20 -9.51
C ILE A 93 -0.32 2.81 -9.47
N ILE A 94 -0.79 2.35 -8.30
CA ILE A 94 -2.24 2.15 -8.10
C ILE A 94 -2.70 3.28 -7.14
N HIS A 95 -3.63 4.12 -7.64
CA HIS A 95 -4.15 5.26 -6.90
C HIS A 95 -5.50 4.86 -6.30
N VAL A 96 -5.52 4.72 -4.97
CA VAL A 96 -6.74 4.39 -4.21
C VAL A 96 -7.29 5.65 -3.52
N ILE A 97 -8.55 5.61 -3.15
CA ILE A 97 -9.23 6.76 -2.54
C ILE A 97 -9.07 6.65 -1.02
N GLY A 98 -8.40 7.63 -0.41
CA GLY A 98 -8.09 7.58 1.02
C GLY A 98 -9.30 7.44 1.93
N GLY A 99 -10.44 8.01 1.53
CA GLY A 99 -11.66 7.90 2.34
C GLY A 99 -12.42 6.59 2.24
N ASN A 100 -12.07 5.74 1.26
CA ASN A 100 -12.77 4.46 1.08
C ASN A 100 -12.35 3.45 2.14
N ASP A 101 -13.15 2.39 2.23
N ASP A 101 -13.15 2.38 2.26
CA ASP A 101 -12.82 1.26 3.10
CA ASP A 101 -12.83 1.23 3.12
C ASP A 101 -11.41 0.73 2.80
C ASP A 101 -11.42 0.69 2.82
N VAL A 102 -10.51 0.77 3.80
CA VAL A 102 -9.09 0.44 3.57
C VAL A 102 -8.88 -1.04 3.27
N LYS A 103 -9.63 -1.93 3.95
CA LYS A 103 -9.49 -3.36 3.68
C LYS A 103 -9.86 -3.65 2.21
N SER A 104 -10.97 -3.08 1.74
N SER A 104 -10.96 -3.07 1.74
CA SER A 104 -11.39 -3.20 0.33
CA SER A 104 -11.35 -3.24 0.33
C SER A 104 -10.32 -2.68 -0.66
C SER A 104 -10.29 -2.70 -0.65
N SER A 105 -9.74 -1.52 -0.35
CA SER A 105 -8.70 -0.94 -1.22
C SER A 105 -7.45 -1.85 -1.32
N VAL A 106 -6.99 -2.35 -0.17
CA VAL A 106 -5.81 -3.24 -0.17
C VAL A 106 -6.12 -4.58 -0.87
N SER A 107 -7.33 -5.14 -0.66
CA SER A 107 -7.71 -6.35 -1.38
C SER A 107 -7.65 -6.13 -2.91
N SER A 108 -8.13 -4.97 -3.38
CA SER A 108 -8.05 -4.64 -4.83
C SER A 108 -6.59 -4.53 -5.34
N VAL A 109 -5.73 -3.87 -4.57
CA VAL A 109 -4.31 -3.77 -4.93
C VAL A 109 -3.68 -5.19 -5.07
N LEU A 110 -3.94 -6.06 -4.09
CA LEU A 110 -3.37 -7.43 -4.11
C LEU A 110 -3.84 -8.19 -5.37
N GLN A 111 -5.16 -8.12 -5.65
CA GLN A 111 -5.72 -8.81 -6.83
C GLN A 111 -5.14 -8.29 -8.15
N GLU A 112 -5.01 -6.97 -8.28
CA GLU A 112 -4.41 -6.38 -9.47
C GLU A 112 -2.92 -6.77 -9.66
N CYS A 113 -2.20 -6.89 -8.54
CA CYS A 113 -0.79 -7.31 -8.60
C CYS A 113 -0.67 -8.79 -9.04
N GLU A 114 -1.55 -9.68 -8.55
CA GLU A 114 -1.59 -11.06 -9.05
C GLU A 114 -1.89 -11.15 -10.55
N LYS A 115 -2.81 -10.32 -11.04
N LYS A 115 -2.80 -10.33 -11.04
CA LYS A 115 -3.15 -10.29 -12.47
CA LYS A 115 -3.15 -10.29 -12.46
C LYS A 115 -1.94 -9.98 -13.34
C LYS A 115 -1.97 -9.93 -13.35
N LYS A 116 -1.02 -9.13 -12.84
CA LYS A 116 0.20 -8.77 -13.56
C LYS A 116 1.43 -9.66 -13.23
N ASN A 117 1.24 -10.69 -12.39
CA ASN A 117 2.33 -11.56 -11.94
C ASN A 117 3.45 -10.78 -11.23
N TYR A 118 3.06 -9.73 -10.50
CA TYR A 118 4.03 -8.94 -9.70
C TYR A 118 4.34 -9.58 -8.36
N SER A 119 5.55 -9.31 -7.86
N SER A 119 5.55 -9.26 -7.87
CA SER A 119 6.00 -9.88 -6.58
CA SER A 119 6.13 -9.84 -6.66
C SER A 119 6.07 -8.91 -5.40
C SER A 119 6.08 -8.91 -5.44
N SER A 120 6.28 -7.60 -5.65
CA SER A 120 6.48 -6.64 -4.55
C SER A 120 5.55 -5.42 -4.64
N ILE A 121 5.11 -4.98 -3.46
CA ILE A 121 4.18 -3.86 -3.28
C ILE A 121 4.74 -2.95 -2.17
N CYS A 122 4.65 -1.62 -2.36
N CYS A 122 4.64 -1.63 -2.38
CA CYS A 122 4.91 -0.68 -1.27
CA CYS A 122 4.90 -0.62 -1.35
C CYS A 122 3.72 0.29 -1.18
C CYS A 122 3.67 0.27 -1.20
N LEU A 123 3.20 0.48 0.03
CA LEU A 123 2.03 1.35 0.27
C LEU A 123 2.29 2.29 1.46
N PRO A 124 1.57 3.44 1.51
CA PRO A 124 1.58 4.31 2.69
C PRO A 124 0.53 3.81 3.72
N ALA A 125 0.40 4.51 4.85
CA ALA A 125 -0.67 4.24 5.81
C ALA A 125 -1.97 4.88 5.24
N ILE A 126 -2.56 4.19 4.28
CA ILE A 126 -3.71 4.65 3.47
C ILE A 126 -4.80 5.20 4.38
N GLY A 127 -5.29 6.41 4.07
CA GLY A 127 -6.42 7.03 4.81
C GLY A 127 -6.05 7.91 5.98
N THR A 128 -4.77 7.88 6.42
CA THR A 128 -4.39 8.63 7.64
C THR A 128 -3.99 10.08 7.36
N GLY A 129 -3.96 10.48 6.09
CA GLY A 129 -3.63 11.87 5.70
C GLY A 129 -4.90 12.70 5.57
N ASN A 130 -5.17 13.23 4.37
CA ASN A 130 -6.36 14.07 4.10
C ASN A 130 -7.69 13.47 4.61
N ALA A 131 -7.83 12.15 4.47
CA ALA A 131 -9.09 11.46 4.85
C ALA A 131 -9.29 11.36 6.36
N LYS A 132 -8.21 11.49 7.14
CA LYS A 132 -8.29 11.53 8.60
C LYS A 132 -9.01 10.28 9.19
N GLN A 133 -8.71 9.10 8.63
CA GLN A 133 -9.04 7.84 9.28
C GLN A 133 -8.04 7.56 10.42
N HIS A 134 -8.49 6.87 11.47
CA HIS A 134 -7.68 6.63 12.65
C HIS A 134 -6.57 5.58 12.37
N PRO A 135 -5.31 5.88 12.77
CA PRO A 135 -4.20 4.93 12.49
C PRO A 135 -4.42 3.50 12.99
N ASP A 136 -5.02 3.32 14.17
CA ASP A 136 -5.24 1.95 14.67
C ASP A 136 -6.19 1.14 13.79
N LYS A 137 -7.26 1.77 13.32
CA LYS A 137 -8.20 1.11 12.40
C LYS A 137 -7.57 0.83 11.03
N VAL A 138 -6.74 1.76 10.54
CA VAL A 138 -6.04 1.58 9.25
C VAL A 138 -5.06 0.38 9.32
N ALA A 139 -4.26 0.29 10.39
CA ALA A 139 -3.34 -0.86 10.55
C ALA A 139 -4.10 -2.19 10.57
N GLU A 140 -5.20 -2.23 11.36
CA GLU A 140 -6.01 -3.47 11.46
C GLU A 140 -6.56 -3.88 10.08
N ALA A 141 -7.03 -2.89 9.30
CA ALA A 141 -7.60 -3.14 7.97
C ALA A 141 -6.57 -3.65 6.95
N ILE A 142 -5.39 -3.01 6.92
CA ILE A 142 -4.33 -3.43 6.00
C ILE A 142 -3.93 -4.89 6.25
N ILE A 143 -3.67 -5.20 7.52
CA ILE A 143 -3.21 -6.56 7.87
C ILE A 143 -4.36 -7.58 7.67
N ASP A 144 -5.60 -7.22 8.01
CA ASP A 144 -6.77 -8.10 7.74
C ASP A 144 -6.89 -8.43 6.23
N ALA A 145 -6.65 -7.45 5.35
CA ALA A 145 -6.75 -7.70 3.91
C ALA A 145 -5.72 -8.76 3.46
N ILE A 146 -4.50 -8.65 3.98
CA ILE A 146 -3.43 -9.60 3.61
C ILE A 146 -3.77 -11.02 4.15
N GLU A 147 -4.24 -11.09 5.42
CA GLU A 147 -4.68 -12.38 5.97
C GLU A 147 -5.76 -13.05 5.11
N ASP A 148 -6.79 -12.30 4.70
N ASP A 148 -6.78 -12.29 4.69
CA ASP A 148 -7.89 -12.87 3.89
CA ASP A 148 -7.88 -12.84 3.89
C ASP A 148 -7.37 -13.40 2.54
C ASP A 148 -7.39 -13.35 2.53
N PHE A 149 -6.50 -12.62 1.92
N PHE A 149 -6.48 -12.61 1.91
CA PHE A 149 -5.88 -12.97 0.61
CA PHE A 149 -5.89 -12.99 0.61
C PHE A 149 -5.11 -14.30 0.72
C PHE A 149 -5.14 -14.33 0.73
N VAL A 150 -4.33 -14.46 1.78
CA VAL A 150 -3.61 -15.71 2.07
C VAL A 150 -4.57 -16.88 2.39
N GLN A 151 -5.58 -16.62 3.23
CA GLN A 151 -6.53 -17.67 3.64
C GLN A 151 -7.27 -18.26 2.43
N LYS A 152 -7.61 -17.42 1.47
CA LYS A 152 -8.32 -17.83 0.25
C LYS A 152 -7.42 -18.55 -0.80
N GLY A 153 -6.12 -18.67 -0.51
CA GLY A 153 -5.18 -19.32 -1.43
C GLY A 153 -4.80 -18.46 -2.63
N SER A 154 -4.98 -17.14 -2.51
CA SER A 154 -4.81 -16.25 -3.68
C SER A 154 -3.37 -15.76 -3.90
N ALA A 155 -2.51 -15.90 -2.90
CA ALA A 155 -1.10 -15.44 -3.02
C ALA A 155 -0.33 -16.48 -3.80
N GLN A 156 0.14 -16.11 -4.98
CA GLN A 156 0.93 -16.96 -5.88
C GLN A 156 2.18 -16.19 -6.34
N SER A 157 2.00 -15.07 -7.04
N SER A 157 2.00 -15.07 -7.06
CA SER A 157 3.11 -14.21 -7.45
CA SER A 157 3.12 -14.20 -7.44
C SER A 157 3.54 -13.23 -6.34
C SER A 157 3.54 -13.23 -6.33
N VAL A 158 2.60 -12.70 -5.55
CA VAL A 158 2.95 -11.67 -4.52
C VAL A 158 3.73 -12.34 -3.37
N LYS A 159 4.92 -11.78 -3.10
CA LYS A 159 5.83 -12.28 -2.06
C LYS A 159 6.20 -11.27 -0.98
N LYS A 160 6.07 -9.95 -1.24
CA LYS A 160 6.51 -8.93 -0.31
C LYS A 160 5.57 -7.73 -0.33
N VAL A 161 5.08 -7.33 0.85
CA VAL A 161 4.21 -6.17 1.01
C VAL A 161 4.82 -5.31 2.12
N LYS A 162 5.20 -4.07 1.77
CA LYS A 162 5.90 -3.15 2.69
C LYS A 162 5.08 -1.86 2.86
N VAL A 163 4.85 -1.45 4.11
CA VAL A 163 4.21 -0.16 4.41
C VAL A 163 5.32 0.81 4.82
N VAL A 164 5.49 1.90 4.04
CA VAL A 164 6.45 2.97 4.38
C VAL A 164 5.63 4.16 4.86
N ILE A 165 5.88 4.58 6.11
CA ILE A 165 4.98 5.41 6.90
C ILE A 165 5.66 6.75 7.22
N PHE A 166 4.97 7.85 6.89
CA PHE A 166 5.53 9.21 7.07
C PHE A 166 5.83 9.56 8.54
N LEU A 167 4.89 9.31 9.43
CA LEU A 167 5.07 9.66 10.85
C LEU A 167 5.54 8.48 11.70
N PRO A 168 6.70 8.65 12.41
CA PRO A 168 7.12 7.58 13.32
C PRO A 168 6.05 7.13 14.35
N GLN A 169 5.22 8.06 14.82
CA GLN A 169 4.15 7.71 15.76
C GLN A 169 3.12 6.72 15.15
N VAL A 170 2.88 6.80 13.85
CA VAL A 170 2.00 5.85 13.15
C VAL A 170 2.71 4.49 12.97
N LEU A 171 4.02 4.49 12.70
CA LEU A 171 4.80 3.24 12.69
C LEU A 171 4.64 2.48 14.01
N ASP A 172 4.66 3.19 15.15
CA ASP A 172 4.52 2.52 16.46
C ASP A 172 3.18 1.76 16.57
N VAL A 173 2.11 2.33 16.01
CA VAL A 173 0.81 1.69 15.99
C VAL A 173 0.83 0.38 15.14
N PHE A 174 1.46 0.44 13.96
CA PHE A 174 1.61 -0.76 13.13
C PHE A 174 2.43 -1.86 13.84
N TYR A 175 3.55 -1.49 14.45
N TYR A 175 3.54 -1.50 14.47
CA TYR A 175 4.38 -2.44 15.22
CA TYR A 175 4.36 -2.46 15.19
C TYR A 175 3.55 -3.15 16.31
C TYR A 175 3.57 -3.15 16.33
N ALA A 176 2.77 -2.38 17.08
CA ALA A 176 1.97 -2.96 18.15
C ALA A 176 0.94 -3.97 17.60
N ASN A 177 0.35 -3.66 16.43
CA ASN A 177 -0.61 -4.57 15.80
C ASN A 177 0.09 -5.90 15.38
N MET A 178 1.28 -5.80 14.78
CA MET A 178 2.07 -7.00 14.43
C MET A 178 2.36 -7.88 15.67
N LYS A 179 2.76 -7.26 16.78
CA LYS A 179 3.04 -8.01 18.02
C LYS A 179 1.77 -8.68 18.58
N LYS A 180 0.62 -8.02 18.44
CA LYS A 180 -0.66 -8.61 18.86
C LYS A 180 -0.92 -9.92 18.09
N ARG A 181 -0.62 -9.93 16.79
CA ARG A 181 -0.94 -11.06 15.92
C ARG A 181 0.09 -12.19 15.91
N GLU A 182 1.33 -11.94 16.35
CA GLU A 182 2.42 -12.87 16.09
C GLU A 182 2.22 -14.25 16.67
N GLY A 183 2.74 -15.27 15.99
CA GLY A 183 2.67 -16.66 16.46
C GLY A 183 3.28 -16.89 17.84
CL CL B . -5.42 9.85 3.00
CL CL C . 1.89 7.47 5.59
S DMS D . -15.40 3.16 4.82
O DMS D . -15.75 4.38 4.02
C1 DMS D . -14.15 3.53 5.92
C2 DMS D . -16.68 2.80 5.89
N1 GV4 E . 2.37 14.18 4.85
N3 GV4 E . 1.12 10.86 4.74
C4 GV4 E . 1.46 13.25 5.22
C5 GV4 E . 2.46 15.58 5.24
C6 GV4 E . 0.32 13.54 6.12
C7 GV4 E . -0.12 10.64 4.26
C8 GV4 E . -0.82 9.41 4.81
C1 GV4 E . 3.80 11.44 3.02
C2 GV4 E . 2.98 12.36 3.87
C3 GV4 E . 1.81 12.08 4.62
N2 GV4 E . 3.30 13.65 4.02
O1 GV4 E . -0.65 11.42 3.46
C9 GV4 E . -1.52 8.65 3.80
N4 GV4 E . -2.08 8.06 2.99
#